data_3CJS
#
_entry.id   3CJS
#
_cell.length_a   103.211
_cell.length_b   33.948
_cell.length_c   71.090
_cell.angle_alpha   90.00
_cell.angle_beta   131.76
_cell.angle_gamma   90.00
#
_symmetry.space_group_name_H-M   'C 1 2 1'
#
loop_
_entity.id
_entity.type
_entity.pdbx_description
1 polymer 'Ribosomal protein L11 methyltransferase'
2 polymer '50S ribosomal protein L11'
3 non-polymer 1,2-ETHANEDIOL
4 water water
#
loop_
_entity_poly.entity_id
_entity_poly.type
_entity_poly.pdbx_seq_one_letter_code
_entity_poly.pdbx_strand_id
1 'polypeptide(L)' MWVYRLKGTLEALDPILPGLFDGGARGLWEREGEVWAFFPAPVDLPYEGVWEEVGDEDW A
2 'polypeptide(L)' MKKVVAVVKLQLPAGKATPAPPVGPALGQHGANIMEFVKAFNAATANMGDAIVPVEITIYADRSFTFVTKTP B,C
#
loop_
_chem_comp.id
_chem_comp.type
_chem_comp.name
_chem_comp.formula
EDO non-polymer 1,2-ETHANEDIOL 'C2 H6 O2'
#
# COMPACT_ATOMS: atom_id res chain seq x y z
N MET A 1 -18.46 2.56 4.04
CA MET A 1 -16.98 2.41 4.04
C MET A 1 -16.37 3.70 3.52
N TRP A 2 -15.15 3.96 3.93
CA TRP A 2 -14.36 5.08 3.41
C TRP A 2 -13.21 4.53 2.60
N VAL A 3 -12.82 5.27 1.58
CA VAL A 3 -11.61 4.95 0.85
C VAL A 3 -10.61 6.10 1.00
N TYR A 4 -9.34 5.73 1.13
CA TYR A 4 -8.21 6.66 1.10
C TYR A 4 -7.54 6.42 -0.25
N ARG A 5 -7.59 7.41 -1.13
CA ARG A 5 -7.06 7.28 -2.48
C ARG A 5 -5.69 7.93 -2.54
N LEU A 6 -4.71 7.16 -3.00
CA LEU A 6 -3.35 7.62 -3.14
C LEU A 6 -2.88 7.43 -4.58
N LYS A 7 -2.32 8.47 -5.16
CA LYS A 7 -1.67 8.34 -6.46
C LYS A 7 -0.49 7.37 -6.34
N GLY A 8 -0.40 6.42 -7.28
CA GLY A 8 0.70 5.47 -7.31
C GLY A 8 0.22 4.04 -7.46
N THR A 9 1.16 3.14 -7.74
CA THR A 9 0.88 1.71 -7.78
C THR A 9 1.22 1.08 -6.46
N LEU A 10 0.77 -0.17 -6.26
CA LEU A 10 1.14 -0.92 -5.06
C LEU A 10 2.64 -1.06 -4.92
N GLU A 11 3.33 -1.29 -6.03
CA GLU A 11 4.78 -1.35 -6.04
C GLU A 11 5.40 -0.04 -5.55
N ALA A 12 5.03 1.06 -6.21
CA ALA A 12 5.60 2.38 -5.90
C ALA A 12 5.37 2.79 -4.46
N LEU A 13 4.20 2.44 -3.93
CA LEU A 13 3.84 2.85 -2.58
C LEU A 13 4.18 1.81 -1.50
N ASP A 14 4.83 0.73 -1.91
CA ASP A 14 5.14 -0.38 -1.01
C ASP A 14 5.58 0.02 0.41
N PRO A 15 6.56 0.95 0.55
CA PRO A 15 7.04 1.27 1.89
C PRO A 15 5.99 1.74 2.89
N ILE A 16 4.92 2.40 2.42
CA ILE A 16 3.91 2.92 3.35
C ILE A 16 2.70 2.00 3.56
N LEU A 17 2.66 0.89 2.82
CA LEU A 17 1.46 0.03 2.87
C LEU A 17 1.21 -0.65 4.22
N PRO A 18 2.26 -1.22 4.87
CA PRO A 18 2.04 -1.78 6.21
C PRO A 18 1.46 -0.75 7.19
N GLY A 19 1.92 0.49 7.09
CA GLY A 19 1.39 1.58 7.90
C GLY A 19 -0.09 1.84 7.68
N LEU A 20 -0.56 1.64 6.45
CA LEU A 20 -1.99 1.80 6.17
C LEU A 20 -2.80 0.71 6.89
N PHE A 21 -2.31 -0.53 6.84
CA PHE A 21 -2.96 -1.62 7.56
C PHE A 21 -2.91 -1.42 9.07
N ASP A 22 -1.76 -0.96 9.58
CA ASP A 22 -1.60 -0.64 11.00
C ASP A 22 -2.60 0.44 11.42
N GLY A 23 -2.89 1.36 10.50
CA GLY A 23 -3.86 2.40 10.74
C GLY A 23 -5.31 1.97 10.61
N GLY A 24 -5.53 0.73 10.15
CA GLY A 24 -6.88 0.17 10.10
C GLY A 24 -7.41 -0.21 8.72
N ALA A 25 -6.57 -0.12 7.69
CA ALA A 25 -7.02 -0.52 6.34
C ALA A 25 -7.42 -1.99 6.33
N ARG A 26 -8.52 -2.30 5.64
CA ARG A 26 -9.03 -3.67 5.57
C ARG A 26 -8.51 -4.40 4.32
N GLY A 27 -8.12 -3.63 3.32
CA GLY A 27 -7.59 -4.19 2.09
C GLY A 27 -7.25 -3.06 1.15
N LEU A 28 -6.41 -3.35 0.16
CA LEU A 28 -5.99 -2.38 -0.84
C LEU A 28 -6.41 -2.87 -2.22
N TRP A 29 -6.74 -1.92 -3.09
CA TRP A 29 -7.14 -2.25 -4.46
C TRP A 29 -6.43 -1.27 -5.37
N GLU A 30 -5.60 -1.78 -6.27
CA GLU A 30 -4.91 -0.92 -7.22
C GLU A 30 -5.84 -0.66 -8.40
N ARG A 31 -6.09 0.61 -8.68
CA ARG A 31 -7.02 1.01 -9.76
C ARG A 31 -6.47 2.16 -10.59
N GLU A 32 -6.11 1.88 -11.85
CA GLU A 32 -5.68 2.90 -12.80
C GLU A 32 -4.84 4.04 -12.20
N GLY A 33 -3.62 3.73 -11.80
CA GLY A 33 -2.68 4.74 -11.33
C GLY A 33 -2.85 5.15 -9.88
N GLU A 34 -3.72 4.45 -9.15
CA GLU A 34 -4.03 4.79 -7.76
C GLU A 34 -4.08 3.53 -6.91
N VAL A 35 -3.84 3.71 -5.62
CA VAL A 35 -4.14 2.69 -4.64
C VAL A 35 -5.32 3.17 -3.81
N TRP A 36 -6.35 2.34 -3.74
CA TRP A 36 -7.51 2.58 -2.89
C TRP A 36 -7.38 1.74 -1.64
N ALA A 37 -7.30 2.41 -0.50
CA ALA A 37 -7.20 1.73 0.79
C ALA A 37 -8.53 1.87 1.51
N PHE A 38 -9.14 0.75 1.91
CA PHE A 38 -10.48 0.75 2.48
C PHE A 38 -10.48 0.74 4.00
N PHE A 39 -11.21 1.67 4.58
CA PHE A 39 -11.25 1.86 6.04
C PHE A 39 -12.71 1.98 6.48
N PRO A 40 -13.05 1.45 7.67
CA PRO A 40 -14.40 1.70 8.15
C PRO A 40 -14.72 3.19 8.32
N ALA A 41 -13.72 3.97 8.73
CA ALA A 41 -13.89 5.43 8.84
C ALA A 41 -12.53 6.05 8.64
N PRO A 42 -12.50 7.35 8.31
CA PRO A 42 -11.20 8.01 8.20
C PRO A 42 -10.38 7.92 9.48
N VAL A 43 -9.06 7.91 9.32
CA VAL A 43 -8.13 7.87 10.44
C VAL A 43 -7.01 8.85 10.17
N ASP A 44 -6.25 9.16 11.21
CA ASP A 44 -5.11 10.06 11.12
C ASP A 44 -3.93 9.43 10.37
N LEU A 45 -3.63 9.95 9.17
CA LEU A 45 -2.50 9.53 8.34
C LEU A 45 -1.80 10.77 7.81
N PRO A 46 -0.48 10.70 7.57
CA PRO A 46 0.30 11.85 7.14
C PRO A 46 0.43 12.07 5.63
N TYR A 47 -0.23 11.24 4.82
CA TYR A 47 0.11 11.14 3.40
C TYR A 47 -0.60 12.08 2.46
N GLU A 48 -1.60 12.80 2.98
CA GLU A 48 -2.44 13.69 2.15
C GLU A 48 -3.12 12.94 1.01
N GLY A 49 -3.52 11.71 1.28
CA GLY A 49 -4.41 11.01 0.35
C GLY A 49 -5.78 11.65 0.40
N VAL A 50 -6.66 11.19 -0.46
CA VAL A 50 -8.02 11.75 -0.55
C VAL A 50 -8.99 10.80 0.12
N TRP A 51 -9.76 11.34 1.06
CA TRP A 51 -10.85 10.60 1.71
C TRP A 51 -12.14 10.72 0.92
N GLU A 52 -12.75 9.57 0.63
CA GLU A 52 -14.00 9.51 -0.11
C GLU A 52 -14.89 8.39 0.45
N GLU A 53 -16.16 8.68 0.67
CA GLU A 53 -17.06 7.63 1.15
C GLU A 53 -17.60 6.83 -0.02
N VAL A 54 -17.62 5.51 0.16
CA VAL A 54 -18.12 4.60 -0.85
C VAL A 54 -19.21 3.69 -0.27
N GLY A 55 -20.21 3.37 -1.09
CA GLY A 55 -21.22 2.38 -0.71
C GLY A 55 -20.70 0.99 -1.03
N ASP A 56 -21.29 -0.03 -0.40
CA ASP A 56 -20.92 -1.43 -0.66
C ASP A 56 -21.22 -1.82 -2.11
N GLU A 57 -22.31 -1.28 -2.65
CA GLU A 57 -22.72 -1.56 -4.02
C GLU A 57 -23.57 -0.42 -4.57
N TRP A 59 -21.55 0.11 -7.56
CA TRP A 59 -21.57 -0.28 -8.96
C TRP A 59 -23.00 -0.53 -9.46
N MET B 1 -12.49 -18.94 -23.97
CA MET B 1 -11.24 -19.75 -23.83
C MET B 1 -10.60 -19.79 -22.43
N LYS B 2 -11.10 -19.04 -21.44
CA LYS B 2 -12.35 -18.27 -21.44
C LYS B 2 -12.07 -16.79 -21.72
N LYS B 3 -13.12 -16.01 -22.01
CA LYS B 3 -12.95 -14.56 -22.22
C LYS B 3 -12.92 -13.79 -20.92
N VAL B 4 -11.87 -12.99 -20.77
CA VAL B 4 -11.66 -12.20 -19.57
C VAL B 4 -12.53 -10.94 -19.58
N VAL B 5 -13.17 -10.66 -18.45
CA VAL B 5 -13.90 -9.39 -18.28
C VAL B 5 -13.22 -8.41 -17.33
N ALA B 6 -12.37 -8.90 -16.44
CA ALA B 6 -11.67 -8.02 -15.53
C ALA B 6 -10.49 -8.70 -14.90
N VAL B 7 -9.53 -7.88 -14.49
CA VAL B 7 -8.47 -8.33 -13.61
C VAL B 7 -8.42 -7.36 -12.44
N VAL B 8 -8.35 -7.93 -11.24
CA VAL B 8 -8.46 -7.18 -9.99
C VAL B 8 -7.18 -7.41 -9.21
N LYS B 9 -6.47 -6.35 -8.86
CA LYS B 9 -5.20 -6.43 -8.17
C LYS B 9 -5.40 -5.88 -6.75
N LEU B 10 -5.30 -6.77 -5.76
CA LEU B 10 -5.53 -6.41 -4.35
C LEU B 10 -4.31 -6.73 -3.51
N GLN B 11 -4.26 -6.15 -2.31
CA GLN B 11 -3.48 -6.69 -1.21
C GLN B 11 -4.42 -6.90 -0.04
N LEU B 12 -4.39 -8.10 0.50
CA LEU B 12 -5.30 -8.50 1.57
C LEU B 12 -4.51 -9.14 2.71
N PRO B 13 -4.97 -8.99 3.95
CA PRO B 13 -4.32 -9.65 5.07
C PRO B 13 -4.51 -11.17 4.98
N ALA B 14 -3.40 -11.90 5.10
CA ALA B 14 -3.42 -13.36 5.05
C ALA B 14 -4.49 -13.97 5.97
N GLY B 15 -5.31 -14.83 5.41
CA GLY B 15 -6.30 -15.59 6.17
C GLY B 15 -7.51 -14.81 6.62
N LYS B 16 -7.53 -13.51 6.33
CA LYS B 16 -8.50 -12.61 6.96
C LYS B 16 -9.41 -11.89 5.99
N ALA B 17 -9.51 -12.39 4.75
CA ALA B 17 -10.45 -11.80 3.79
C ALA B 17 -11.89 -11.97 4.26
N THR B 18 -12.73 -11.00 3.93
CA THR B 18 -14.17 -11.10 4.13
C THR B 18 -14.87 -10.60 2.87
N PRO B 19 -16.20 -10.80 2.77
CA PRO B 19 -16.90 -10.25 1.60
C PRO B 19 -16.97 -8.73 1.53
N ALA B 20 -16.52 -8.05 2.57
CA ALA B 20 -16.55 -6.58 2.59
C ALA B 20 -15.58 -5.97 1.57
N PRO B 21 -15.75 -4.65 1.27
CA PRO B 21 -14.83 -3.97 0.36
C PRO B 21 -13.36 -4.06 0.82
N PRO B 22 -12.40 -4.18 -0.12
CA PRO B 22 -12.54 -4.10 -1.58
C PRO B 22 -13.08 -5.36 -2.28
N VAL B 23 -13.10 -6.50 -1.59
CA VAL B 23 -13.46 -7.77 -2.24
C VAL B 23 -14.87 -7.77 -2.84
N GLY B 24 -15.87 -7.41 -2.04
CA GLY B 24 -17.26 -7.43 -2.49
C GLY B 24 -17.49 -6.66 -3.78
N PRO B 25 -17.19 -5.36 -3.80
CA PRO B 25 -17.42 -4.60 -5.04
C PRO B 25 -16.51 -4.98 -6.20
N ALA B 26 -15.23 -5.29 -5.92
CA ALA B 26 -14.26 -5.57 -6.98
C ALA B 26 -14.66 -6.82 -7.75
N LEU B 27 -15.01 -7.87 -7.03
CA LEU B 27 -15.48 -9.10 -7.66
C LEU B 27 -16.95 -9.08 -8.06
N GLY B 28 -17.80 -8.55 -7.18
CA GLY B 28 -19.23 -8.58 -7.37
C GLY B 28 -19.71 -7.83 -8.59
N GLN B 29 -19.04 -6.74 -8.94
CA GLN B 29 -19.47 -5.99 -10.12
C GLN B 29 -19.39 -6.81 -11.41
N HIS B 30 -18.57 -7.85 -11.40
CA HIS B 30 -18.45 -8.75 -12.53
C HIS B 30 -19.11 -10.11 -12.30
N GLY B 31 -19.79 -10.24 -11.16
CA GLY B 31 -20.55 -11.45 -10.86
C GLY B 31 -19.75 -12.61 -10.32
N ALA B 32 -18.46 -12.41 -10.02
CA ALA B 32 -17.66 -13.47 -9.42
C ALA B 32 -18.19 -13.80 -8.02
N ASN B 33 -18.15 -15.07 -7.67
CA ASN B 33 -18.70 -15.53 -6.41
C ASN B 33 -17.83 -15.06 -5.25
N ILE B 34 -18.33 -14.04 -4.54
CA ILE B 34 -17.56 -13.36 -3.50
C ILE B 34 -17.12 -14.32 -2.40
N MET B 35 -18.06 -15.08 -1.88
CA MET B 35 -17.76 -16.01 -0.79
C MET B 35 -16.81 -17.11 -1.20
N GLU B 36 -16.93 -17.59 -2.44
CA GLU B 36 -16.01 -18.60 -2.91
C GLU B 36 -14.59 -18.04 -2.96
N PHE B 37 -14.43 -16.81 -3.44
CA PHE B 37 -13.10 -16.21 -3.42
C PHE B 37 -12.57 -16.03 -2.00
N VAL B 38 -13.42 -15.51 -1.11
CA VAL B 38 -13.02 -15.30 0.28
C VAL B 38 -12.50 -16.59 0.88
N LYS B 39 -13.28 -17.66 0.75
CA LYS B 39 -12.88 -18.96 1.31
C LYS B 39 -11.60 -19.48 0.66
N ALA B 40 -11.48 -19.32 -0.66
CA ALA B 40 -10.31 -19.83 -1.37
C ALA B 40 -9.04 -19.06 -1.02
N PHE B 41 -9.14 -17.73 -0.98
CA PHE B 41 -8.02 -16.89 -0.57
C PHE B 41 -7.60 -17.21 0.86
N ASN B 42 -8.58 -17.34 1.75
CA ASN B 42 -8.26 -17.65 3.14
C ASN B 42 -7.61 -19.03 3.30
N ALA B 43 -8.06 -20.00 2.51
CA ALA B 43 -7.41 -21.31 2.53
C ALA B 43 -5.98 -21.20 2.00
N ALA B 44 -5.80 -20.42 0.93
CA ALA B 44 -4.48 -20.25 0.31
C ALA B 44 -3.48 -19.52 1.18
N THR B 45 -3.97 -18.78 2.17
CA THR B 45 -3.11 -17.86 2.91
C THR B 45 -3.18 -17.91 4.44
N ALA B 46 -4.16 -18.60 5.03
CA ALA B 46 -4.33 -18.56 6.50
C ALA B 46 -3.08 -18.97 7.27
N ASN B 47 -2.32 -19.91 6.72
CA ASN B 47 -1.14 -20.41 7.42
C ASN B 47 0.10 -19.51 7.27
N MET B 48 -0.08 -18.35 6.63
CA MET B 48 1.00 -17.36 6.48
C MET B 48 1.12 -16.41 7.67
N GLY B 49 0.21 -16.52 8.62
CA GLY B 49 0.22 -15.65 9.80
C GLY B 49 -0.21 -14.21 9.51
N ASP B 50 0.57 -13.25 10.01
CA ASP B 50 0.20 -11.81 9.96
C ASP B 50 0.59 -11.05 8.66
N ALA B 51 0.78 -11.79 7.58
CA ALA B 51 1.28 -11.22 6.33
C ALA B 51 0.24 -10.43 5.55
N ILE B 52 0.73 -9.52 4.71
CA ILE B 52 -0.10 -8.87 3.69
C ILE B 52 0.20 -9.54 2.36
N VAL B 53 -0.84 -10.02 1.69
CA VAL B 53 -0.66 -10.86 0.51
C VAL B 53 -1.16 -10.17 -0.77
N PRO B 54 -0.27 -9.94 -1.74
CA PRO B 54 -0.69 -9.52 -3.07
C PRO B 54 -1.48 -10.65 -3.74
N VAL B 55 -2.62 -10.32 -4.31
CA VAL B 55 -3.44 -11.30 -5.01
C VAL B 55 -4.06 -10.66 -6.23
N GLU B 56 -4.03 -11.39 -7.34
CA GLU B 56 -4.62 -10.92 -8.58
C GLU B 56 -5.70 -11.91 -9.00
N ILE B 57 -6.91 -11.38 -9.19
CA ILE B 57 -8.08 -12.18 -9.53
C ILE B 57 -8.47 -11.86 -10.96
N THR B 58 -8.55 -12.89 -11.79
CA THR B 58 -9.01 -12.72 -13.16
C THR B 58 -10.44 -13.25 -13.21
N ILE B 59 -11.34 -12.45 -13.75
CA ILE B 59 -12.76 -12.81 -13.80
C ILE B 59 -13.14 -12.99 -15.26
N TYR B 60 -13.90 -14.04 -15.54
CA TYR B 60 -14.27 -14.42 -16.90
C TYR B 60 -15.73 -14.14 -17.22
N ALA B 61 -16.07 -14.20 -18.51
CA ALA B 61 -17.42 -13.85 -18.94
C ALA B 61 -18.51 -14.76 -18.37
N ASP B 62 -18.14 -15.99 -18.00
CA ASP B 62 -19.11 -16.91 -17.35
C ASP B 62 -19.18 -16.70 -15.83
N ARG B 63 -18.51 -15.66 -15.35
CA ARG B 63 -18.48 -15.24 -13.93
C ARG B 63 -17.58 -16.11 -13.05
N SER B 64 -16.88 -17.04 -13.67
CA SER B 64 -15.86 -17.81 -12.96
C SER B 64 -14.64 -16.92 -12.71
N PHE B 65 -13.74 -17.37 -11.85
CA PHE B 65 -12.52 -16.62 -11.60
C PHE B 65 -11.36 -17.56 -11.35
N THR B 66 -10.15 -17.04 -11.55
CA THR B 66 -8.93 -17.68 -11.13
C THR B 66 -8.13 -16.65 -10.34
N PHE B 67 -7.18 -17.09 -9.52
CA PHE B 67 -6.37 -16.12 -8.81
C PHE B 67 -4.95 -16.62 -8.59
N VAL B 68 -4.06 -15.65 -8.38
CA VAL B 68 -2.64 -15.91 -8.12
C VAL B 68 -2.26 -15.07 -6.90
N THR B 69 -1.63 -15.70 -5.91
CA THR B 69 -1.07 -14.99 -4.77
C THR B 69 0.44 -14.94 -4.86
N LYS B 70 1.03 -13.98 -4.16
CA LYS B 70 2.48 -13.90 -4.01
C LYS B 70 2.82 -13.99 -2.52
N THR B 71 3.88 -14.74 -2.21
CA THR B 71 4.37 -14.87 -0.85
C THR B 71 5.50 -13.87 -0.67
N PRO B 72 5.36 -12.93 0.27
CA PRO B 72 4.25 -12.86 1.20
C PRO B 72 3.68 -11.44 1.21
N LYS C 3 19.98 2.18 20.02
CA LYS C 3 19.81 3.59 20.46
C LYS C 3 20.02 4.58 19.32
N VAL C 4 19.51 5.80 19.50
CA VAL C 4 19.66 6.88 18.52
C VAL C 4 21.11 7.33 18.44
N VAL C 5 21.65 7.42 17.22
CA VAL C 5 23.01 7.92 17.04
C VAL C 5 23.08 9.26 16.31
N ALA C 6 22.00 9.60 15.59
CA ALA C 6 21.94 10.84 14.80
C ALA C 6 20.53 11.24 14.39
N VAL C 7 20.34 12.55 14.22
CA VAL C 7 19.09 13.11 13.71
C VAL C 7 19.39 14.08 12.55
N VAL C 8 19.18 13.59 11.32
CA VAL C 8 19.50 14.34 10.11
C VAL C 8 18.27 15.11 9.63
N LYS C 9 18.46 16.41 9.36
CA LYS C 9 17.40 17.25 8.85
C LYS C 9 17.65 17.63 7.40
N LEU C 10 16.71 17.27 6.53
CA LEU C 10 16.80 17.57 5.10
C LEU C 10 15.53 18.25 4.58
N GLN C 11 15.65 18.92 3.44
CA GLN C 11 14.51 19.49 2.73
C GLN C 11 14.54 18.94 1.31
N LEU C 12 13.57 18.10 0.97
CA LEU C 12 13.61 17.37 -0.31
C LEU C 12 12.35 17.58 -1.13
N PRO C 13 12.49 17.54 -2.48
CA PRO C 13 11.31 17.66 -3.35
C PRO C 13 10.41 16.44 -3.15
N ALA C 14 9.13 16.71 -2.86
CA ALA C 14 8.17 15.63 -2.64
C ALA C 14 8.16 14.63 -3.79
N GLY C 15 8.24 13.36 -3.44
CA GLY C 15 8.19 12.25 -4.40
C GLY C 15 9.37 12.14 -5.35
N LYS C 16 10.39 12.98 -5.16
CA LYS C 16 11.48 13.13 -6.14
C LYS C 16 12.88 13.06 -5.55
N ALA C 17 13.01 12.44 -4.37
CA ALA C 17 14.33 12.22 -3.78
C ALA C 17 15.12 11.21 -4.62
N THR C 18 16.44 11.38 -4.64
CA THR C 18 17.36 10.46 -5.32
C THR C 18 18.55 10.20 -4.38
N PRO C 19 19.42 9.23 -4.72
CA PRO C 19 20.63 9.03 -3.90
C PRO C 19 21.63 10.20 -3.97
N ALA C 20 21.41 11.15 -4.87
CA ALA C 20 22.31 12.29 -5.04
C ALA C 20 22.37 13.16 -3.77
N PRO C 21 23.43 13.97 -3.61
CA PRO C 21 23.48 14.91 -2.47
C PRO C 21 22.24 15.80 -2.42
N PRO C 22 21.75 16.12 -1.21
CA PRO C 22 22.36 15.81 0.10
C PRO C 22 22.09 14.39 0.65
N VAL C 23 21.24 13.63 -0.03
CA VAL C 23 20.74 12.36 0.51
C VAL C 23 21.84 11.31 0.75
N GLY C 24 22.58 10.97 -0.31
CA GLY C 24 23.69 10.01 -0.19
C GLY C 24 24.64 10.26 0.97
N PRO C 25 25.27 11.45 1.00
CA PRO C 25 26.17 11.76 2.12
C PRO C 25 25.50 11.79 3.49
N ALA C 26 24.31 12.36 3.58
CA ALA C 26 23.65 12.56 4.87
C ALA C 26 23.30 11.24 5.53
N LEU C 27 22.84 10.28 4.73
CA LEU C 27 22.47 8.95 5.23
C LEU C 27 23.67 8.01 5.32
N GLY C 28 24.52 8.07 4.29
CA GLY C 28 25.67 7.18 4.17
C GLY C 28 26.68 7.37 5.28
N GLN C 29 26.82 8.61 5.77
CA GLN C 29 27.81 8.89 6.82
C GLN C 29 27.48 8.14 8.11
N HIS C 30 26.22 7.72 8.24
CA HIS C 30 25.75 6.99 9.42
C HIS C 30 25.45 5.53 9.08
N GLY C 31 25.79 5.11 7.86
CA GLY C 31 25.61 3.72 7.42
C GLY C 31 24.17 3.32 7.14
N ALA C 32 23.29 4.31 7.00
CA ALA C 32 21.88 4.03 6.75
C ALA C 32 21.72 3.64 5.28
N ASN C 33 20.68 2.85 4.99
CA ASN C 33 20.43 2.35 3.64
C ASN C 33 19.83 3.46 2.79
N ILE C 34 20.63 4.01 1.89
CA ILE C 34 20.22 5.17 1.08
C ILE C 34 19.02 4.86 0.21
N MET C 35 19.10 3.74 -0.52
CA MET C 35 18.01 3.30 -1.38
C MET C 35 16.71 3.13 -0.59
N GLU C 36 16.80 2.44 0.54
CA GLU C 36 15.63 2.22 1.39
C GLU C 36 15.01 3.56 1.78
N PHE C 37 15.83 4.53 2.17
CA PHE C 37 15.31 5.85 2.54
C PHE C 37 14.66 6.57 1.36
N VAL C 38 15.33 6.57 0.22
CA VAL C 38 14.81 7.24 -0.98
C VAL C 38 13.44 6.68 -1.33
N LYS C 39 13.33 5.35 -1.38
CA LYS C 39 12.06 4.70 -1.72
C LYS C 39 10.97 5.03 -0.70
N ALA C 40 11.33 5.03 0.58
CA ALA C 40 10.37 5.29 1.65
C ALA C 40 9.92 6.75 1.69
N PHE C 41 10.87 7.68 1.59
CA PHE C 41 10.54 9.10 1.52
C PHE C 41 9.64 9.39 0.32
N ASN C 42 10.00 8.86 -0.85
CA ASN C 42 9.21 9.09 -2.06
C ASN C 42 7.80 8.56 -1.99
N ALA C 43 7.63 7.38 -1.38
CA ALA C 43 6.30 6.82 -1.16
C ALA C 43 5.50 7.65 -0.16
N ALA C 44 6.15 8.14 0.90
CA ALA C 44 5.47 8.90 1.94
C ALA C 44 5.06 10.31 1.46
N THR C 45 5.72 10.78 0.42
CA THR C 45 5.51 12.14 -0.08
C THR C 45 4.96 12.20 -1.49
N ALA C 46 4.59 11.04 -2.05
CA ALA C 46 4.14 10.94 -3.45
C ALA C 46 2.84 11.67 -3.70
N ASN C 47 2.11 11.95 -2.62
CA ASN C 47 0.82 12.63 -2.72
C ASN C 47 0.83 14.03 -2.12
N MET C 48 2.02 14.62 -2.08
CA MET C 48 2.19 16.00 -1.62
C MET C 48 2.59 16.98 -2.72
N GLY C 49 2.39 16.58 -3.98
CA GLY C 49 2.60 17.48 -5.13
C GLY C 49 4.07 17.82 -5.33
N ASP C 50 4.35 19.08 -5.62
CA ASP C 50 5.73 19.54 -5.84
C ASP C 50 6.29 20.32 -4.65
N ALA C 51 5.72 20.09 -3.47
CA ALA C 51 6.15 20.73 -2.23
C ALA C 51 7.59 20.36 -1.86
N ILE C 52 8.33 21.31 -1.30
CA ILE C 52 9.61 20.99 -0.69
C ILE C 52 9.31 20.53 0.73
N VAL C 53 9.62 19.27 1.02
CA VAL C 53 9.24 18.65 2.27
C VAL C 53 10.41 18.60 3.25
N PRO C 54 10.29 19.30 4.39
CA PRO C 54 11.28 19.15 5.45
C PRO C 54 11.10 17.78 6.08
N VAL C 55 12.21 17.09 6.29
CA VAL C 55 12.19 15.73 6.83
C VAL C 55 13.26 15.57 7.90
N GLU C 56 12.87 14.98 9.02
CA GLU C 56 13.77 14.72 10.12
C GLU C 56 13.99 13.21 10.19
N ILE C 57 15.23 12.80 9.95
CA ILE C 57 15.60 11.39 9.89
C ILE C 57 16.39 11.00 11.14
N THR C 58 15.83 10.09 11.92
CA THR C 58 16.50 9.56 13.10
C THR C 58 17.16 8.25 12.71
N ILE C 59 18.47 8.16 12.95
CA ILE C 59 19.22 6.96 12.62
C ILE C 59 19.69 6.27 13.90
N TYR C 60 19.61 4.94 13.91
CA TYR C 60 19.92 4.13 15.08
C TYR C 60 21.25 3.41 14.94
N ALA C 61 21.75 2.85 16.04
CA ALA C 61 23.07 2.22 16.08
C ALA C 61 23.17 1.01 15.15
N ASP C 62 22.06 0.33 14.93
CA ASP C 62 22.00 -0.83 14.03
C ASP C 62 21.84 -0.40 12.57
N ARG C 63 21.92 0.91 12.34
CA ARG C 63 21.87 1.54 11.00
C ARG C 63 20.47 1.66 10.41
N SER C 64 19.44 1.25 11.16
CA SER C 64 18.05 1.46 10.75
C SER C 64 17.67 2.93 10.95
N PHE C 65 16.50 3.33 10.44
CA PHE C 65 16.08 4.72 10.54
C PHE C 65 14.57 4.88 10.65
N THR C 66 14.15 6.00 11.22
CA THR C 66 12.76 6.45 11.16
C THR C 66 12.79 7.89 10.66
N PHE C 67 11.68 8.36 10.08
CA PHE C 67 11.62 9.77 9.66
C PHE C 67 10.23 10.36 9.80
N VAL C 68 10.20 11.67 10.06
CA VAL C 68 8.94 12.41 10.10
C VAL C 68 8.88 13.49 9.02
N THR C 69 7.70 13.63 8.43
CA THR C 69 7.40 14.64 7.43
C THR C 69 7.00 15.95 8.12
N LYS C 70 7.45 17.07 7.57
CA LYS C 70 7.11 18.40 8.11
C LYS C 70 6.57 19.34 7.04
C1 EDO D . -9.27 -13.71 -23.49
O1 EDO D . -9.96 -12.68 -22.79
C2 EDO D . -9.69 -13.65 -24.95
O2 EDO D . -9.02 -12.56 -25.59
C1 EDO E . -12.40 -6.85 3.56
O1 EDO E . -12.53 -7.45 4.88
C2 EDO E . -11.27 -7.49 2.77
O2 EDO E . -11.61 -8.84 2.44
C1 EDO F . -12.35 -22.75 -1.15
O1 EDO F . -12.07 -24.01 -0.54
C2 EDO F . -13.82 -22.66 -1.52
O2 EDO F . -14.14 -23.66 -2.50
#